data_1W8G
#
_entry.id   1W8G
#
_cell.length_a   124.017
_cell.length_b   124.017
_cell.length_c   83.729
_cell.angle_alpha   90.00
_cell.angle_beta   90.00
_cell.angle_gamma   90.00
#
_symmetry.space_group_name_H-M   'I 41 2 2'
#
loop_
_entity.id
_entity.type
_entity.pdbx_description
1 polymer 'HYPOTHETICAL UPF0001 PROTEIN YGGS'
2 non-polymer "PYRIDOXAL-5'-PHOSPHATE"
3 non-polymer 'ISOCITRIC ACID'
4 water water
#
_entity_poly.entity_id   1
_entity_poly.type   'polypeptide(L)'
_entity_poly.pdbx_seq_one_letter_code
;MNDIAHNLAQVRDKISAAATRCGRSPEEITLLAVSKTKPASAIAEAIDAGQRQFGENYVQEGVDKIRHFQELGVTGLEWH
FIGPLQSNKSRLVAEHFDWCHTIDRLRIATRLNDQRPAELPPLNVLIQINISDENSKSGIQLAELDELAAAVAELPRLRL
RGLMAIPAPESEYVRQFEVARQMAVAFAGLKTRYPHIDTLSLGMSDDMEAAIAAGSTMVRIGTAIFGARDYSKK
;
_entity_poly.pdbx_strand_id   A
#
loop_
_chem_comp.id
_chem_comp.type
_chem_comp.name
_chem_comp.formula
ICT non-polymer 'ISOCITRIC ACID' 'C6 H8 O7'
PLP non-polymer PYRIDOXAL-5'-PHOSPHATE 'C8 H10 N O6 P'
#
# COMPACT_ATOMS: atom_id res chain seq x y z
N ASP A 3 -8.57 10.57 20.00
CA ASP A 3 -7.33 9.95 20.56
C ASP A 3 -6.78 8.93 19.56
N ILE A 4 -5.65 9.27 18.93
CA ILE A 4 -5.05 8.41 17.92
C ILE A 4 -4.74 7.01 18.47
N ALA A 5 -4.23 6.94 19.71
CA ALA A 5 -3.92 5.65 20.32
C ALA A 5 -5.18 4.78 20.45
N HIS A 6 -6.27 5.39 20.93
CA HIS A 6 -7.55 4.69 21.05
C HIS A 6 -8.08 4.24 19.71
N ASN A 7 -7.98 5.12 18.71
CA ASN A 7 -8.42 4.82 17.35
C ASN A 7 -7.64 3.67 16.73
N LEU A 8 -6.32 3.69 16.92
CA LEU A 8 -5.47 2.61 16.40
C LEU A 8 -5.90 1.26 16.96
N ALA A 9 -6.08 1.20 18.27
CA ALA A 9 -6.56 -0.01 18.95
C ALA A 9 -7.90 -0.50 18.40
N GLN A 10 -8.83 0.44 18.18
CA GLN A 10 -10.14 0.09 17.63
C GLN A 10 -10.03 -0.49 16.22
N VAL A 11 -9.21 0.14 15.39
CA VAL A 11 -9.01 -0.32 14.01
C VAL A 11 -8.35 -1.70 14.01
N ARG A 12 -7.34 -1.89 14.85
CA ARG A 12 -6.67 -3.19 14.94
CA ARG A 12 -6.66 -3.18 14.95
C ARG A 12 -7.64 -4.29 15.40
N ASP A 13 -8.56 -3.94 16.29
CA ASP A 13 -9.57 -4.90 16.77
C ASP A 13 -10.52 -5.31 15.64
N LYS A 14 -10.93 -4.34 14.82
CA LYS A 14 -11.78 -4.60 13.65
C LYS A 14 -11.07 -5.48 12.61
N ILE A 15 -9.79 -5.19 12.35
CA ILE A 15 -9.01 -6.02 11.43
C ILE A 15 -8.94 -7.44 11.98
N SER A 16 -8.53 -7.58 13.23
CA SER A 16 -8.38 -8.90 13.86
C SER A 16 -9.68 -9.71 13.84
N ALA A 17 -10.80 -9.06 14.16
CA ALA A 17 -12.11 -9.70 14.15
C ALA A 17 -12.47 -10.18 12.76
N ALA A 18 -12.24 -9.32 11.75
CA ALA A 18 -12.53 -9.65 10.36
C ALA A 18 -11.70 -10.84 9.88
N ALA A 19 -10.43 -10.87 10.26
CA ALA A 19 -9.55 -11.99 9.89
C ALA A 19 -10.05 -13.28 10.53
N THR A 20 -10.25 -13.24 11.85
CA THR A 20 -10.66 -14.42 12.62
CA THR A 20 -10.64 -14.44 12.59
C THR A 20 -12.00 -14.98 12.16
N ARG A 21 -12.93 -14.09 11.82
CA ARG A 21 -14.25 -14.49 11.33
C ARG A 21 -14.20 -15.36 10.08
N CYS A 22 -13.31 -15.02 9.14
CA CYS A 22 -13.20 -15.77 7.89
C CYS A 22 -12.05 -16.79 7.90
N GLY A 23 -11.57 -17.13 9.08
CA GLY A 23 -10.62 -18.21 9.26
C GLY A 23 -9.18 -17.87 8.92
N ARG A 24 -8.84 -16.58 8.98
CA ARG A 24 -7.48 -16.13 8.72
C ARG A 24 -6.85 -15.67 10.01
N SER A 25 -5.53 -15.74 10.08
CA SER A 25 -4.80 -15.24 11.24
C SER A 25 -4.73 -13.71 11.14
N PRO A 26 -4.99 -13.01 12.26
CA PRO A 26 -4.88 -11.54 12.24
C PRO A 26 -3.53 -11.02 11.75
N GLU A 27 -2.46 -11.77 12.00
CA GLU A 27 -1.11 -11.37 11.58
C GLU A 27 -0.92 -11.34 10.07
N GLU A 28 -1.83 -11.97 9.33
CA GLU A 28 -1.79 -11.93 7.86
C GLU A 28 -2.07 -10.54 7.30
N ILE A 29 -2.75 -9.69 8.09
CA ILE A 29 -3.18 -8.39 7.63
C ILE A 29 -2.33 -7.27 8.22
N THR A 30 -1.71 -6.48 7.34
CA THR A 30 -0.94 -5.31 7.72
C THR A 30 -1.83 -4.08 7.73
N LEU A 31 -1.77 -3.31 8.81
CA LEU A 31 -2.45 -2.04 8.88
C LEU A 31 -1.49 -0.96 8.37
N LEU A 32 -1.83 -0.37 7.22
CA LEU A 32 -1.13 0.81 6.73
C LEU A 32 -1.87 2.06 7.18
N ALA A 33 -1.27 2.81 8.10
CA ALA A 33 -1.86 4.06 8.57
C ALA A 33 -1.60 5.17 7.56
N VAL A 34 -2.67 5.67 6.96
CA VAL A 34 -2.55 6.69 5.92
C VAL A 34 -2.59 8.07 6.56
N SER A 35 -1.44 8.76 6.51
CA SER A 35 -1.22 10.00 7.24
C SER A 35 -1.23 11.23 6.34
N LYS A 36 -1.67 11.07 5.08
CA LYS A 36 -1.73 12.21 4.18
C LYS A 36 -2.57 13.34 4.79
N THR A 37 -2.08 14.57 4.61
CA THR A 37 -2.73 15.79 5.13
C THR A 37 -2.67 15.93 6.66
N LYS A 38 -2.08 14.97 7.37
CA LYS A 38 -1.97 15.08 8.83
C LYS A 38 -0.56 15.50 9.20
N PRO A 39 -0.41 16.30 10.27
CA PRO A 39 0.92 16.81 10.60
C PRO A 39 1.83 15.72 11.21
N ALA A 40 3.12 15.99 11.23
CA ALA A 40 4.09 15.09 11.84
C ALA A 40 3.73 14.75 13.28
N SER A 41 3.17 15.72 14.01
CA SER A 41 2.78 15.52 15.39
C SER A 41 1.76 14.40 15.55
N ALA A 42 0.87 14.25 14.56
CA ALA A 42 -0.12 13.16 14.58
C ALA A 42 0.56 11.83 14.29
N ILE A 43 1.49 11.82 13.35
CA ILE A 43 2.27 10.63 13.09
C ILE A 43 3.08 10.26 14.33
N ALA A 44 3.62 11.25 15.05
CA ALA A 44 4.40 11.00 16.24
C ALA A 44 3.57 10.31 17.34
N GLU A 45 2.31 10.71 17.48
CA GLU A 45 1.39 10.06 18.42
C GLU A 45 1.14 8.61 18.05
N ALA A 46 0.96 8.37 16.75
CA ALA A 46 0.77 7.01 16.24
C ALA A 46 2.01 6.15 16.48
N ILE A 47 3.19 6.73 16.28
CA ILE A 47 4.46 6.04 16.57
C ILE A 47 4.55 5.70 18.06
N ASP A 48 4.22 6.66 18.93
CA ASP A 48 4.24 6.40 20.37
C ASP A 48 3.28 5.27 20.76
N ALA A 49 2.20 5.12 19.99
CA ALA A 49 1.26 4.03 20.18
C ALA A 49 1.65 2.73 19.49
N GLY A 50 2.82 2.68 18.85
CA GLY A 50 3.32 1.42 18.29
C GLY A 50 3.15 1.24 16.80
N GLN A 51 2.52 2.19 16.10
CA GLN A 51 2.35 2.10 14.64
C GLN A 51 3.68 2.37 13.95
N ARG A 52 4.02 1.52 12.97
CA ARG A 52 5.31 1.63 12.27
CA ARG A 52 5.31 1.60 12.26
C ARG A 52 5.18 1.83 10.74
N GLN A 53 4.03 1.48 10.19
CA GLN A 53 3.85 1.54 8.74
C GLN A 53 2.91 2.69 8.38
N PHE A 54 3.42 3.62 7.58
CA PHE A 54 2.70 4.82 7.22
C PHE A 54 2.62 5.01 5.71
N GLY A 55 1.47 5.47 5.23
CA GLY A 55 1.24 5.70 3.81
C GLY A 55 1.03 7.17 3.52
N GLU A 56 1.75 7.66 2.52
CA GLU A 56 1.67 9.06 2.11
C GLU A 56 1.36 9.12 0.60
N ASN A 57 0.61 10.13 0.21
CA ASN A 57 0.12 10.30 -1.17
C ASN A 57 0.82 11.38 -1.98
N TYR A 58 1.47 12.34 -1.30
CA TYR A 58 2.11 13.46 -1.98
C TYR A 58 3.59 13.46 -1.62
N VAL A 59 4.44 13.63 -2.64
CA VAL A 59 5.86 13.34 -2.50
C VAL A 59 6.57 14.25 -1.50
N GLN A 60 6.43 15.56 -1.64
CA GLN A 60 7.19 16.48 -0.79
C GLN A 60 6.73 16.39 0.66
N GLU A 61 5.42 16.37 0.87
CA GLU A 61 4.83 16.13 2.20
C GLU A 61 5.41 14.89 2.87
N GLY A 62 5.38 13.77 2.14
CA GLY A 62 5.89 12.50 2.61
C GLY A 62 7.37 12.54 2.94
N VAL A 63 8.16 13.06 2.03
CA VAL A 63 9.62 13.16 2.23
C VAL A 63 10.00 14.04 3.43
N ASP A 64 9.27 15.14 3.63
CA ASP A 64 9.52 16.01 4.78
C ASP A 64 9.28 15.27 6.10
N LYS A 65 8.24 14.46 6.13
CA LYS A 65 7.89 13.62 7.30
C LYS A 65 8.97 12.56 7.54
N ILE A 66 9.36 11.87 6.48
CA ILE A 66 10.41 10.87 6.56
C ILE A 66 11.68 11.47 7.16
N ARG A 67 12.09 12.62 6.65
CA ARG A 67 13.28 13.31 7.18
C ARG A 67 13.11 13.71 8.64
N HIS A 68 11.92 14.19 8.99
CA HIS A 68 11.65 14.62 10.35
C HIS A 68 11.92 13.48 11.35
N PHE A 69 11.36 12.31 11.08
CA PHE A 69 11.53 11.18 11.99
C PHE A 69 12.91 10.51 11.90
N GLN A 70 13.55 10.59 10.75
CA GLN A 70 14.94 10.16 10.61
C GLN A 70 15.84 11.01 11.52
N GLU A 71 15.63 12.32 11.51
CA GLU A 71 16.49 13.24 12.25
C GLU A 71 16.23 13.23 13.74
N LEU A 72 15.02 12.85 14.11
CA LEU A 72 14.67 12.61 15.52
C LEU A 72 15.32 11.34 16.05
N GLY A 73 15.89 10.54 15.16
CA GLY A 73 16.55 9.31 15.56
C GLY A 73 15.54 8.22 15.83
N VAL A 74 14.35 8.34 15.25
CA VAL A 74 13.37 7.26 15.31
C VAL A 74 13.78 6.26 14.25
N THR A 75 13.75 4.99 14.61
CA THR A 75 14.17 3.91 13.71
C THR A 75 13.06 2.85 13.69
N GLY A 76 13.02 2.05 12.62
CA GLY A 76 12.06 0.92 12.48
C GLY A 76 10.79 1.22 11.68
N LEU A 77 10.70 2.42 11.12
CA LEU A 77 9.52 2.83 10.37
C LEU A 77 9.56 2.32 8.95
N GLU A 78 8.38 2.15 8.36
CA GLU A 78 8.23 1.72 6.98
C GLU A 78 7.29 2.69 6.26
N TRP A 79 7.80 3.36 5.23
CA TRP A 79 7.04 4.39 4.53
C TRP A 79 6.64 3.90 3.14
N HIS A 80 5.35 4.04 2.85
CA HIS A 80 4.74 3.57 1.62
C HIS A 80 4.22 4.75 0.83
N PHE A 81 4.63 4.87 -0.44
CA PHE A 81 4.09 5.87 -1.33
C PHE A 81 2.90 5.29 -2.07
N ILE A 82 1.73 5.87 -1.85
CA ILE A 82 0.47 5.30 -2.34
C ILE A 82 -0.33 6.25 -3.22
N GLY A 83 0.29 7.36 -3.62
CA GLY A 83 -0.32 8.33 -4.52
C GLY A 83 0.21 8.12 -5.92
N PRO A 84 -0.45 8.76 -6.91
CA PRO A 84 0.08 8.68 -8.28
C PRO A 84 1.47 9.28 -8.38
N LEU A 85 2.34 8.63 -9.14
CA LEU A 85 3.72 9.08 -9.24
C LEU A 85 3.93 9.82 -10.55
N GLN A 86 4.54 11.00 -10.51
CA GLN A 86 4.90 11.74 -11.71
C GLN A 86 6.40 11.64 -11.88
N SER A 87 6.86 11.65 -13.13
CA SER A 87 8.29 11.50 -13.42
C SER A 87 9.16 12.58 -12.79
N ASN A 88 8.67 13.81 -12.70
CA ASN A 88 9.46 14.89 -12.12
C ASN A 88 9.65 14.78 -10.59
N LYS A 89 8.85 13.94 -9.94
CA LYS A 89 9.01 13.71 -8.50
C LYS A 89 9.55 12.33 -8.12
N SER A 90 9.90 11.52 -9.10
CA SER A 90 10.27 10.12 -8.84
C SER A 90 11.56 9.96 -8.03
N ARG A 91 12.53 10.86 -8.22
CA ARG A 91 13.81 10.76 -7.51
C ARG A 91 13.60 10.79 -5.99
N LEU A 92 12.72 11.67 -5.54
CA LEU A 92 12.41 11.80 -4.12
C LEU A 92 11.79 10.52 -3.56
N VAL A 93 10.93 9.87 -4.33
CA VAL A 93 10.34 8.62 -3.89
C VAL A 93 11.44 7.54 -3.82
N ALA A 94 12.25 7.47 -4.86
CA ALA A 94 13.31 6.44 -4.94
C ALA A 94 14.35 6.57 -3.82
N GLU A 95 14.63 7.79 -3.38
CA GLU A 95 15.66 8.01 -2.38
C GLU A 95 15.15 7.85 -0.94
N HIS A 96 13.84 7.96 -0.71
CA HIS A 96 13.31 8.03 0.68
C HIS A 96 12.30 6.98 1.09
N PHE A 97 11.54 6.43 0.14
CA PHE A 97 10.47 5.50 0.50
C PHE A 97 10.92 4.04 0.52
N ASP A 98 10.20 3.23 1.31
CA ASP A 98 10.46 1.80 1.45
C ASP A 98 9.59 0.98 0.48
N TRP A 99 8.38 1.47 0.23
CA TRP A 99 7.40 0.84 -0.67
C TRP A 99 6.78 1.88 -1.60
N CYS A 100 6.39 1.43 -2.79
CA CYS A 100 5.57 2.20 -3.71
C CYS A 100 4.48 1.30 -4.29
N HIS A 101 3.22 1.67 -4.10
CA HIS A 101 2.06 0.84 -4.48
C HIS A 101 1.51 1.16 -5.86
N THR A 102 2.08 2.15 -6.55
CA THR A 102 1.40 2.77 -7.69
C THR A 102 2.12 2.62 -9.03
N ILE A 103 2.80 1.50 -9.23
CA ILE A 103 3.46 1.22 -10.49
C ILE A 103 2.39 0.83 -11.50
N ASP A 104 2.15 1.69 -12.49
CA ASP A 104 1.17 1.37 -13.52
C ASP A 104 1.70 1.63 -14.95
N ARG A 105 3.01 1.84 -15.07
CA ARG A 105 3.65 1.86 -16.38
C ARG A 105 5.13 1.57 -16.22
N LEU A 106 5.73 1.05 -17.27
CA LEU A 106 7.12 0.61 -17.17
C LEU A 106 8.09 1.78 -16.99
N ARG A 107 7.88 2.89 -17.68
CA ARG A 107 8.83 4.00 -17.63
CA ARG A 107 8.82 4.02 -17.63
C ARG A 107 9.05 4.53 -16.22
N ILE A 108 7.98 4.66 -15.44
CA ILE A 108 8.12 5.15 -14.07
C ILE A 108 8.87 4.16 -13.16
N ALA A 109 8.65 2.87 -13.37
CA ALA A 109 9.40 1.82 -12.66
C ALA A 109 10.89 1.90 -13.00
N THR A 110 11.22 2.10 -14.27
CA THR A 110 12.62 2.15 -14.69
C THR A 110 13.29 3.41 -14.13
N ARG A 111 12.54 4.51 -14.06
CA ARG A 111 13.05 5.74 -13.46
C ARG A 111 13.37 5.52 -12.00
N LEU A 112 12.42 4.98 -11.24
CA LEU A 112 12.64 4.64 -9.83
C LEU A 112 13.85 3.74 -9.66
N ASN A 113 13.94 2.72 -10.49
CA ASN A 113 15.08 1.81 -10.44
C ASN A 113 16.39 2.58 -10.60
N ASP A 114 16.44 3.43 -11.63
CA ASP A 114 17.68 4.13 -11.94
C ASP A 114 18.04 5.19 -10.90
N GLN A 115 17.05 5.67 -10.15
CA GLN A 115 17.25 6.73 -9.16
C GLN A 115 17.44 6.23 -7.74
N ARG A 116 17.28 4.92 -7.53
CA ARG A 116 17.39 4.29 -6.23
C ARG A 116 18.87 4.04 -5.89
N PRO A 117 19.41 4.67 -4.82
CA PRO A 117 20.81 4.36 -4.47
C PRO A 117 21.05 2.87 -4.19
N ALA A 118 22.22 2.36 -4.59
CA ALA A 118 22.54 0.91 -4.46
C ALA A 118 22.65 0.42 -3.01
N GLU A 119 22.95 1.33 -2.08
CA GLU A 119 23.11 0.97 -0.66
C GLU A 119 21.78 0.77 0.05
N LEU A 120 20.71 1.32 -0.50
CA LEU A 120 19.38 1.10 0.06
C LEU A 120 18.92 -0.30 -0.31
N PRO A 121 17.99 -0.87 0.47
CA PRO A 121 17.37 -2.11 0.02
C PRO A 121 16.60 -1.84 -1.27
N PRO A 122 16.35 -2.88 -2.07
CA PRO A 122 15.50 -2.65 -3.24
C PRO A 122 14.17 -2.02 -2.81
N LEU A 123 13.65 -1.09 -3.60
CA LEU A 123 12.33 -0.50 -3.34
C LEU A 123 11.24 -1.53 -3.59
N ASN A 124 10.43 -1.80 -2.57
CA ASN A 124 9.34 -2.76 -2.72
C ASN A 124 8.22 -2.11 -3.51
N VAL A 125 7.79 -2.76 -4.59
CA VAL A 125 6.78 -2.17 -5.46
C VAL A 125 5.59 -3.11 -5.68
N LEU A 126 4.40 -2.52 -5.80
CA LEU A 126 3.19 -3.22 -6.22
C LEU A 126 2.76 -2.66 -7.56
N ILE A 127 2.19 -3.51 -8.40
CA ILE A 127 1.57 -3.04 -9.63
C ILE A 127 0.11 -2.69 -9.31
N GLN A 128 -0.29 -1.49 -9.71
CA GLN A 128 -1.65 -1.02 -9.46
C GLN A 128 -2.58 -1.41 -10.61
N ILE A 129 -3.66 -2.08 -10.25
CA ILE A 129 -4.69 -2.46 -11.20
C ILE A 129 -5.89 -1.50 -11.09
N ASN A 130 -6.35 -0.97 -12.21
CA ASN A 130 -7.66 -0.31 -12.21
C ASN A 130 -8.68 -1.42 -12.42
N ILE A 131 -9.20 -1.94 -11.32
CA ILE A 131 -10.06 -3.11 -11.37
C ILE A 131 -11.51 -2.74 -11.69
N SER A 132 -11.98 -1.58 -11.24
CA SER A 132 -13.39 -1.23 -11.43
C SER A 132 -13.75 0.25 -11.55
N ASP A 133 -12.77 1.13 -11.75
CA ASP A 133 -13.02 2.59 -11.66
C ASP A 133 -12.90 3.34 -12.99
N GLU A 134 -14.05 3.56 -13.64
CA GLU A 134 -14.11 4.28 -14.92
C GLU A 134 -13.69 5.76 -14.81
N ASN A 135 -13.73 6.30 -13.60
CA ASN A 135 -13.36 7.71 -13.37
C ASN A 135 -11.92 7.91 -12.95
N SER A 136 -11.12 6.84 -12.95
CA SER A 136 -9.70 6.94 -12.62
C SER A 136 -8.85 6.63 -13.83
N LYS A 137 -7.73 7.32 -13.97
CA LYS A 137 -6.73 6.97 -14.98
C LYS A 137 -5.49 6.34 -14.35
N SER A 138 -5.57 5.98 -13.07
CA SER A 138 -4.48 5.27 -12.40
C SER A 138 -4.75 3.78 -12.46
N GLY A 139 -3.71 3.00 -12.71
CA GLY A 139 -3.80 1.56 -12.72
C GLY A 139 -3.92 1.00 -14.13
N ILE A 140 -3.41 -0.22 -14.30
CA ILE A 140 -3.55 -0.94 -15.58
C ILE A 140 -4.77 -1.85 -15.57
N GLN A 141 -5.15 -2.30 -16.76
CA GLN A 141 -6.12 -3.37 -16.90
C GLN A 141 -5.42 -4.69 -16.58
N LEU A 142 -6.17 -5.66 -16.04
CA LEU A 142 -5.61 -6.99 -15.76
C LEU A 142 -4.97 -7.65 -16.97
N ALA A 143 -5.52 -7.40 -18.16
CA ALA A 143 -4.97 -7.94 -19.40
C ALA A 143 -3.54 -7.49 -19.68
N GLU A 144 -3.11 -6.37 -19.07
CA GLU A 144 -1.75 -5.84 -19.25
C GLU A 144 -0.78 -6.30 -18.15
N LEU A 145 -1.26 -7.05 -17.15
CA LEU A 145 -0.47 -7.37 -15.97
C LEU A 145 0.71 -8.30 -16.25
N ASP A 146 0.46 -9.38 -16.99
CA ASP A 146 1.52 -10.35 -17.27
C ASP A 146 2.74 -9.68 -17.91
N GLU A 147 2.48 -8.79 -18.87
CA GLU A 147 3.54 -8.09 -19.56
C GLU A 147 4.30 -7.13 -18.65
N LEU A 148 3.57 -6.30 -17.92
CA LEU A 148 4.21 -5.29 -17.08
C LEU A 148 4.99 -5.94 -15.94
N ALA A 149 4.41 -6.99 -15.36
CA ALA A 149 5.06 -7.69 -14.25
C ALA A 149 6.42 -8.27 -14.68
N ALA A 150 6.46 -8.86 -15.86
CA ALA A 150 7.70 -9.46 -16.38
C ALA A 150 8.79 -8.40 -16.53
N ALA A 151 8.44 -7.24 -17.09
CA ALA A 151 9.40 -6.14 -17.31
C ALA A 151 9.90 -5.53 -16.00
N VAL A 152 8.97 -5.27 -15.10
CA VAL A 152 9.31 -4.66 -13.81
C VAL A 152 10.15 -5.62 -12.97
N ALA A 153 9.89 -6.92 -13.10
CA ALA A 153 10.57 -7.92 -12.30
C ALA A 153 12.08 -7.97 -12.51
N GLU A 154 12.56 -7.53 -13.67
CA GLU A 154 14.00 -7.59 -13.96
C GLU A 154 14.78 -6.44 -13.38
N LEU A 155 14.09 -5.40 -12.92
CA LEU A 155 14.76 -4.20 -12.41
C LEU A 155 15.39 -4.48 -11.05
N PRO A 156 16.73 -4.42 -10.97
CA PRO A 156 17.45 -4.95 -9.79
C PRO A 156 17.30 -4.13 -8.51
N ARG A 157 16.94 -2.85 -8.63
CA ARG A 157 16.80 -1.96 -7.47
C ARG A 157 15.33 -1.84 -7.02
N LEU A 158 14.45 -2.61 -7.67
CA LEU A 158 13.07 -2.76 -7.23
C LEU A 158 12.84 -4.21 -6.84
N ARG A 159 11.78 -4.45 -6.07
CA ARG A 159 11.36 -5.81 -5.74
C ARG A 159 9.85 -5.86 -5.90
N LEU A 160 9.39 -6.60 -6.91
CA LEU A 160 7.96 -6.75 -7.15
C LEU A 160 7.36 -7.69 -6.10
N ARG A 161 6.43 -7.16 -5.30
CA ARG A 161 5.87 -7.87 -4.15
C ARG A 161 4.38 -8.23 -4.26
N GLY A 162 3.72 -7.75 -5.31
CA GLY A 162 2.30 -8.01 -5.47
C GLY A 162 1.55 -6.89 -6.19
N LEU A 163 0.31 -6.67 -5.75
CA LEU A 163 -0.63 -5.81 -6.46
C LEU A 163 -1.33 -4.86 -5.52
N MET A 164 -1.84 -3.76 -6.07
CA MET A 164 -2.70 -2.83 -5.36
C MET A 164 -3.88 -2.46 -6.24
N ALA A 165 -5.02 -2.14 -5.61
CA ALA A 165 -6.12 -1.52 -6.31
C ALA A 165 -6.93 -0.60 -5.40
N ILE A 166 -7.51 0.42 -6.02
CA ILE A 166 -8.50 1.30 -5.41
C ILE A 166 -9.76 1.12 -6.25
N PRO A 167 -10.62 0.18 -5.86
CA PRO A 167 -11.89 -0.02 -6.56
C PRO A 167 -12.74 1.24 -6.58
N ALA A 168 -13.63 1.37 -7.56
CA ALA A 168 -14.64 2.43 -7.51
C ALA A 168 -15.42 2.31 -6.20
N PRO A 169 -15.84 3.45 -5.62
CA PRO A 169 -16.71 3.40 -4.45
C PRO A 169 -17.90 2.46 -4.67
N GLU A 170 -18.17 1.62 -3.67
CA GLU A 170 -19.22 0.63 -3.77
C GLU A 170 -19.89 0.45 -2.40
N SER A 171 -21.20 0.64 -2.38
CA SER A 171 -21.99 0.56 -1.16
C SER A 171 -22.44 -0.87 -0.85
N GLU A 172 -22.54 -1.72 -1.89
CA GLU A 172 -23.03 -3.07 -1.71
C GLU A 172 -21.89 -4.04 -1.37
N TYR A 173 -22.02 -4.72 -0.23
CA TYR A 173 -21.05 -5.73 0.22
C TYR A 173 -20.78 -6.80 -0.85
N VAL A 174 -21.83 -7.28 -1.49
CA VAL A 174 -21.70 -8.30 -2.53
C VAL A 174 -20.69 -7.86 -3.60
N ARG A 175 -20.83 -6.62 -4.07
CA ARG A 175 -19.94 -6.10 -5.11
C ARG A 175 -18.55 -5.75 -4.57
N GLN A 176 -18.47 -5.27 -3.34
CA GLN A 176 -17.18 -5.12 -2.66
C GLN A 176 -16.40 -6.44 -2.67
N PHE A 177 -17.08 -7.52 -2.31
CA PHE A 177 -16.44 -8.84 -2.24
C PHE A 177 -16.07 -9.36 -3.62
N GLU A 178 -17.00 -9.26 -4.56
CA GLU A 178 -16.76 -9.74 -5.93
C GLU A 178 -15.57 -9.05 -6.59
N VAL A 179 -15.48 -7.73 -6.42
CA VAL A 179 -14.38 -6.97 -7.02
C VAL A 179 -13.06 -7.32 -6.33
N ALA A 180 -13.11 -7.45 -5.01
CA ALA A 180 -11.93 -7.84 -4.25
C ALA A 180 -11.46 -9.25 -4.65
N ARG A 181 -12.40 -10.15 -4.91
CA ARG A 181 -12.04 -11.50 -5.36
C ARG A 181 -11.34 -11.49 -6.72
N GLN A 182 -11.75 -10.61 -7.62
CA GLN A 182 -11.06 -10.46 -8.91
C GLN A 182 -9.59 -10.14 -8.68
N MET A 183 -9.31 -9.24 -7.75
CA MET A 183 -7.95 -8.91 -7.37
C MET A 183 -7.22 -10.09 -6.70
N ALA A 184 -7.90 -10.81 -5.82
CA ALA A 184 -7.28 -11.94 -5.14
C ALA A 184 -6.90 -13.06 -6.10
N VAL A 185 -7.76 -13.30 -7.10
CA VAL A 185 -7.51 -14.30 -8.13
C VAL A 185 -6.28 -13.90 -8.95
N ALA A 186 -6.21 -12.64 -9.37
CA ALA A 186 -5.03 -12.14 -10.09
C ALA A 186 -3.74 -12.28 -9.27
N PHE A 187 -3.85 -11.92 -7.99
CA PHE A 187 -2.77 -12.04 -7.00
C PHE A 187 -2.29 -13.49 -6.86
N ALA A 188 -3.24 -14.41 -6.70
CA ALA A 188 -2.90 -15.84 -6.60
C ALA A 188 -2.19 -16.32 -7.86
N GLY A 189 -2.66 -15.86 -9.02
CA GLY A 189 -2.05 -16.21 -10.31
C GLY A 189 -0.59 -15.77 -10.40
N LEU A 190 -0.33 -14.54 -10.00
CA LEU A 190 1.02 -14.00 -10.00
C LEU A 190 1.90 -14.81 -9.06
N LYS A 191 1.32 -15.18 -7.91
CA LYS A 191 2.05 -15.89 -6.85
C LYS A 191 2.60 -17.24 -7.32
N THR A 192 1.90 -17.89 -8.26
CA THR A 192 2.26 -19.23 -8.72
C THR A 192 3.56 -19.28 -9.54
N ARG A 193 3.92 -18.20 -10.22
CA ARG A 193 5.15 -18.20 -11.02
C ARG A 193 6.21 -17.18 -10.58
N TYR A 194 5.79 -16.01 -10.06
CA TYR A 194 6.76 -15.00 -9.59
C TYR A 194 7.25 -15.27 -8.17
N PRO A 195 8.52 -14.96 -7.90
CA PRO A 195 9.06 -15.11 -6.56
C PRO A 195 8.59 -13.98 -5.64
N HIS A 196 8.61 -14.25 -4.34
CA HIS A 196 8.28 -13.24 -3.31
C HIS A 196 7.07 -12.34 -3.63
N ILE A 197 5.98 -12.95 -4.09
CA ILE A 197 4.69 -12.27 -4.15
C ILE A 197 3.94 -12.55 -2.84
N ASP A 198 3.81 -11.52 -2.01
CA ASP A 198 3.17 -11.67 -0.71
C ASP A 198 2.28 -10.50 -0.28
N THR A 199 2.06 -9.52 -1.15
CA THR A 199 1.34 -8.31 -0.75
C THR A 199 0.22 -7.98 -1.70
N LEU A 200 -0.99 -7.90 -1.15
CA LEU A 200 -2.16 -7.47 -1.88
C LEU A 200 -2.72 -6.28 -1.09
N SER A 201 -2.45 -5.08 -1.60
CA SER A 201 -2.86 -3.84 -0.96
C SER A 201 -4.26 -3.49 -1.45
N LEU A 202 -5.24 -3.76 -0.59
CA LEU A 202 -6.63 -3.74 -0.98
C LEU A 202 -7.51 -3.56 0.23
N GLY A 203 -8.39 -2.57 0.19
CA GLY A 203 -9.31 -2.33 1.28
C GLY A 203 -9.00 -1.06 2.05
N MET A 204 -10.06 -0.29 2.29
CA MET A 204 -10.01 0.87 3.17
C MET A 204 -11.12 0.68 4.21
N SER A 205 -11.48 1.73 4.95
CA SER A 205 -12.44 1.58 6.05
C SER A 205 -13.80 1.01 5.62
N ASP A 206 -14.36 1.53 4.55
CA ASP A 206 -15.73 1.20 4.19
C ASP A 206 -15.91 -0.19 3.53
N ASP A 207 -14.83 -0.78 3.00
CA ASP A 207 -14.88 -2.13 2.42
C ASP A 207 -13.87 -3.08 3.07
N MET A 208 -13.42 -2.77 4.29
CA MET A 208 -12.35 -3.53 4.96
C MET A 208 -12.68 -5.02 5.09
N GLU A 209 -13.89 -5.32 5.52
CA GLU A 209 -14.32 -6.69 5.78
C GLU A 209 -14.36 -7.52 4.50
N ALA A 210 -14.93 -6.95 3.44
CA ALA A 210 -14.97 -7.63 2.14
C ALA A 210 -13.56 -7.91 1.62
N ALA A 211 -12.68 -6.91 1.74
CA ALA A 211 -11.29 -7.03 1.28
C ALA A 211 -10.55 -8.12 2.03
N ILE A 212 -10.71 -8.14 3.35
CA ILE A 212 -10.04 -9.16 4.18
C ILE A 212 -10.59 -10.55 3.84
N ALA A 213 -11.91 -10.66 3.73
CA ALA A 213 -12.53 -11.96 3.39
C ALA A 213 -12.06 -12.50 2.02
N ALA A 214 -11.82 -11.58 1.09
CA ALA A 214 -11.41 -11.93 -0.26
C ALA A 214 -9.95 -12.34 -0.37
N GLY A 215 -9.11 -11.92 0.59
CA GLY A 215 -7.69 -12.27 0.57
C GLY A 215 -6.68 -11.13 0.62
N SER A 216 -7.11 -9.91 0.95
CA SER A 216 -6.18 -8.79 1.13
C SER A 216 -5.15 -9.09 2.22
N THR A 217 -3.94 -8.57 2.05
CA THR A 217 -2.90 -8.69 3.07
C THR A 217 -2.58 -7.35 3.71
N MET A 218 -3.19 -6.28 3.22
CA MET A 218 -2.87 -4.94 3.69
C MET A 218 -4.02 -3.99 3.44
N VAL A 219 -4.50 -3.37 4.51
CA VAL A 219 -5.59 -2.40 4.40
C VAL A 219 -5.03 -1.00 4.69
N ARG A 220 -5.60 0.01 4.04
CA ARG A 220 -5.10 1.38 4.11
C ARG A 220 -6.14 2.26 4.79
N ILE A 221 -5.84 2.74 6.00
CA ILE A 221 -6.80 3.43 6.84
C ILE A 221 -6.28 4.80 7.25
N GLY A 222 -7.06 5.85 6.97
CA GLY A 222 -6.67 7.22 7.30
C GLY A 222 -7.57 7.85 8.34
N THR A 223 -8.76 8.28 7.90
CA THR A 223 -9.67 9.03 8.77
C THR A 223 -10.02 8.32 10.08
N ALA A 224 -10.22 7.00 10.03
CA ALA A 224 -10.58 6.25 11.24
C ALA A 224 -9.47 6.24 12.30
N ILE A 225 -8.24 6.55 11.91
CA ILE A 225 -7.12 6.66 12.86
C ILE A 225 -6.88 8.12 13.25
N PHE A 226 -6.80 9.00 12.26
CA PHE A 226 -6.31 10.37 12.47
C PHE A 226 -7.39 11.44 12.61
N GLY A 227 -8.61 11.14 12.18
CA GLY A 227 -9.69 12.12 12.24
C GLY A 227 -9.89 12.73 10.88
N ALA A 228 -10.96 13.52 10.74
CA ALA A 228 -11.33 14.08 9.43
C ALA A 228 -10.55 15.37 9.17
N1 PLP B . -5.55 4.57 0.51
C2 PLP B . -5.23 5.53 -0.42
C2A PLP B . -4.50 5.14 -1.69
C3 PLP B . -5.59 6.85 -0.17
O3 PLP B . -5.33 7.81 -1.10
C4 PLP B . -6.28 7.19 1.01
C4A PLP B . -6.57 8.64 1.31
C5 PLP B . -6.60 6.20 1.94
C6 PLP B . -6.23 4.89 1.67
C5A PLP B . -7.28 6.52 3.26
O4P PLP B . -8.61 6.98 3.06
P PLP B . -9.54 7.46 4.32
O1P PLP B . -9.66 6.28 5.26
O2P PLP B . -10.89 7.90 3.82
O3P PLP B . -8.87 8.61 5.02
C1 ICT C . 6.44 8.33 -17.18
O1 ICT C . 5.72 7.34 -16.98
O2 ICT C . 7.44 8.47 -16.44
C2 ICT C . 6.13 9.27 -18.30
O7 ICT C . 4.96 8.82 -18.93
C3 ICT C . 6.01 10.75 -17.84
C4 ICT C . 4.57 11.16 -17.46
C5 ICT C . 4.38 11.46 -15.98
O3 ICT C . 5.17 11.02 -15.11
O4 ICT C . 3.43 12.13 -15.57
C6 ICT C . 6.61 11.68 -18.86
O5 ICT C . 7.57 11.33 -19.59
O6 ICT C . 6.20 12.86 -19.00
#